data_3UMB
#
_entry.id   3UMB
#
_cell.length_a   66.380
_cell.length_b   129.570
_cell.length_c   54.300
_cell.angle_alpha   90.000
_cell.angle_beta   90.000
_cell.angle_gamma   90.000
#
_symmetry.space_group_name_H-M   'C 2 2 2'
#
loop_
_entity.id
_entity.type
_entity.pdbx_description
1 polymer 'dehalogenase-like hydrolase'
2 non-polymer 'POTASSIUM ION'
3 non-polymer 'CHLORIDE ION'
4 non-polymer 'SODIUM ION'
5 non-polymer 'MAGNESIUM ION'
6 water water
#
_entity_poly.entity_id   1
_entity_poly.type   'polypeptide(L)'
_entity_poly.pdbx_seq_one_letter_code
;(MSE)TSIRAVVFDAYGTLFDVYSVAARAEQLFPGKGEALSVLWRDRQIDYTRIRSLAGPSGEHYKPFWDVTVDALRYAC
ARLNLPLGNHAEATL(MSE)REYACLSAFPENVPVLRQLRE(MSE)GLPLGILSNGNPQ(MSE)LEIAVKSAG(MSE)SG
LFDHVLSVDAVRLYKTAPAAYALAPRAFGVPAAQILFVSSNGWDACGATWHGFTTFWINRLGHPPEALDVAPAAAGHD
(MSE)RDLLQFVQARQS(MSE)R
;
_entity_poly.pdbx_strand_id   A
#
loop_
_chem_comp.id
_chem_comp.type
_chem_comp.name
_chem_comp.formula
CL non-polymer 'CHLORIDE ION' 'Cl -1'
K non-polymer 'POTASSIUM ION' 'K 1'
MG non-polymer 'MAGNESIUM ION' 'Mg 2'
NA non-polymer 'SODIUM ION' 'Na 1'
#
# COMPACT_ATOMS: atom_id res chain seq x y z
N THR A 2 -15.18 -18.69 -6.46
CA THR A 2 -14.14 -19.14 -7.45
C THR A 2 -12.77 -19.37 -6.76
N SER A 3 -11.97 -20.29 -7.34
CA SER A 3 -10.68 -20.76 -6.75
C SER A 3 -9.50 -19.79 -6.79
N ILE A 4 -8.98 -19.40 -5.63
CA ILE A 4 -7.77 -18.55 -5.55
C ILE A 4 -6.59 -19.33 -6.07
N ARG A 5 -5.81 -18.72 -6.96
CA ARG A 5 -4.59 -19.35 -7.45
C ARG A 5 -3.34 -18.52 -7.29
N ALA A 6 -3.48 -17.38 -6.59
CA ALA A 6 -2.42 -16.42 -6.34
C ALA A 6 -2.92 -15.38 -5.34
N VAL A 7 -2.00 -14.71 -4.66
CA VAL A 7 -2.41 -13.76 -3.64
C VAL A 7 -1.49 -12.57 -3.77
N VAL A 8 -2.09 -11.39 -3.95
CA VAL A 8 -1.34 -10.15 -4.14
C VAL A 8 -1.61 -9.17 -2.98
N PHE A 9 -0.55 -8.53 -2.50
CA PHE A 9 -0.61 -7.61 -1.40
C PHE A 9 -0.30 -6.18 -1.83
N ASP A 10 -1.08 -5.27 -1.28
CA ASP A 10 -0.72 -3.86 -1.06
C ASP A 10 0.52 -3.77 -0.12
N ALA A 11 1.27 -2.70 -0.21
CA ALA A 11 2.49 -2.56 0.57
C ALA A 11 2.27 -1.96 2.01
N TYR A 12 2.14 -0.65 2.03
CA TYR A 12 2.07 0.18 3.23
C TYR A 12 0.83 -0.09 4.08
N GLY A 13 1.02 -0.30 5.39
CA GLY A 13 -0.09 -0.58 6.32
C GLY A 13 -0.54 -2.04 6.26
N THR A 14 -0.09 -2.76 5.22
CA THR A 14 -0.52 -4.13 4.99
C THR A 14 0.67 -5.03 5.34
N LEU A 15 1.72 -4.89 4.54
CA LEU A 15 2.94 -5.66 4.72
C LEU A 15 3.87 -4.94 5.65
N PHE A 16 3.92 -3.62 5.46
CA PHE A 16 4.82 -2.72 6.15
C PHE A 16 4.12 -1.76 7.13
N ASP A 17 4.49 -1.82 8.41
CA ASP A 17 3.99 -0.86 9.41
C ASP A 17 4.63 0.52 9.18
N VAL A 18 3.79 1.50 8.77
CA VAL A 18 4.18 2.92 8.58
C VAL A 18 4.35 3.63 9.96
N TYR A 19 3.94 2.95 11.04
CA TYR A 19 4.00 3.54 12.38
C TYR A 19 5.29 4.36 12.63
N SER A 20 6.44 3.79 12.28
CA SER A 20 7.72 4.37 12.68
C SER A 20 7.96 5.78 12.14
N VAL A 21 7.15 6.22 11.18
CA VAL A 21 7.32 7.56 10.62
C VAL A 21 6.63 8.58 11.52
N ALA A 22 5.43 8.24 12.00
CA ALA A 22 4.70 9.13 12.90
C ALA A 22 5.57 9.43 14.13
N ALA A 23 6.13 8.37 14.71
CA ALA A 23 7.02 8.45 15.89
C ALA A 23 8.28 9.33 15.71
N ARG A 24 8.86 9.29 14.53
CA ARG A 24 10.04 10.09 14.20
C ARG A 24 9.68 11.56 13.83
N ALA A 25 8.43 11.74 13.43
CA ALA A 25 7.88 13.08 13.18
C ALA A 25 7.82 13.83 14.51
N GLU A 26 7.13 13.24 15.49
CA GLU A 26 7.15 13.73 16.88
C GLU A 26 8.49 14.21 17.36
N GLN A 27 9.55 13.50 17.02
CA GLN A 27 10.84 13.85 17.59
C GLN A 27 11.43 15.08 16.94
N LEU A 28 11.13 15.30 15.66
CA LEU A 28 11.67 16.49 14.99
C LEU A 28 10.76 17.70 15.24
N PHE A 29 9.50 17.41 15.56
CA PHE A 29 8.41 18.39 15.62
C PHE A 29 7.57 18.05 16.83
N PRO A 30 8.03 18.48 18.02
CA PRO A 30 7.40 18.07 19.26
C PRO A 30 6.00 18.65 19.39
N GLY A 31 5.07 17.79 19.80
CA GLY A 31 3.65 18.08 19.84
C GLY A 31 2.89 18.03 18.50
N LYS A 32 3.59 17.80 17.38
CA LYS A 32 2.96 17.89 16.03
C LYS A 32 3.12 16.66 15.13
N GLY A 33 3.45 15.52 15.73
CA GLY A 33 3.73 14.29 15.00
C GLY A 33 2.47 13.61 14.49
N GLU A 34 1.47 13.46 15.34
CA GLU A 34 0.28 12.78 14.90
C GLU A 34 -0.46 13.65 13.87
N ALA A 35 -0.36 15.00 14.01
CA ALA A 35 -0.99 15.93 13.08
C ALA A 35 -0.30 15.91 11.72
N LEU A 36 1.04 15.99 11.71
CA LEU A 36 1.79 15.94 10.47
C LEU A 36 1.52 14.64 9.71
N SER A 37 1.48 13.53 10.46
CA SER A 37 1.53 12.22 9.85
C SER A 37 0.16 12.00 9.22
N VAL A 38 -0.89 12.31 9.96
CA VAL A 38 -2.23 12.36 9.37
C VAL A 38 -2.34 13.26 8.12
N LEU A 39 -1.94 14.55 8.21
CA LEU A 39 -2.09 15.47 7.07
C LEU A 39 -1.27 14.99 5.88
N TRP A 40 -0.11 14.41 6.17
CA TRP A 40 0.81 13.95 5.16
C TRP A 40 0.30 12.75 4.34
N ARG A 41 -0.28 11.77 5.05
CA ARG A 41 -0.91 10.62 4.41
C ARG A 41 -2.13 11.05 3.58
N ASP A 42 -2.97 11.91 4.16
CA ASP A 42 -4.08 12.50 3.43
C ASP A 42 -3.63 13.11 2.11
N ARG A 43 -2.69 14.04 2.17
CA ARG A 43 -2.29 14.73 0.92
C ARG A 43 -1.52 13.82 -0.01
N GLN A 44 -0.81 12.84 0.52
CA GLN A 44 -0.09 11.91 -0.35
C GLN A 44 -1.07 11.18 -1.27
N ILE A 45 -2.12 10.65 -0.67
CA ILE A 45 -3.14 9.99 -1.40
C ILE A 45 -3.97 10.96 -2.23
N ASP A 46 -4.36 12.10 -1.68
CA ASP A 46 -5.10 13.06 -2.45
C ASP A 46 -4.37 13.38 -3.74
N TYR A 47 -3.04 13.60 -3.65
CA TYR A 47 -2.25 13.99 -4.80
C TYR A 47 -2.16 12.90 -5.86
N THR A 48 -2.09 11.63 -5.46
CA THR A 48 -2.07 10.55 -6.49
C THR A 48 -3.40 10.52 -7.26
N ARG A 49 -4.51 10.68 -6.56
CA ARG A 49 -5.81 10.72 -7.20
C ARG A 49 -6.05 11.95 -8.05
N ILE A 50 -5.70 13.12 -7.54
CA ILE A 50 -5.87 14.34 -8.29
C ILE A 50 -5.14 14.22 -9.63
N ARG A 51 -3.89 13.81 -9.57
CA ARG A 51 -3.07 13.58 -10.77
C ARG A 51 -3.62 12.56 -11.76
N SER A 52 -4.04 11.40 -11.29
CA SER A 52 -4.44 10.34 -12.23
C SER A 52 -5.81 10.65 -12.82
N LEU A 53 -6.70 11.25 -12.01
CA LEU A 53 -7.99 11.71 -12.45
C LEU A 53 -7.86 12.79 -13.48
N ALA A 54 -6.83 13.64 -13.38
CA ALA A 54 -6.62 14.80 -14.26
C ALA A 54 -6.03 14.41 -15.60
N GLY A 55 -5.29 13.29 -15.62
CA GLY A 55 -4.65 12.78 -16.79
C GLY A 55 -4.86 11.31 -16.84
N PRO A 56 -5.99 10.87 -17.40
CA PRO A 56 -6.37 9.44 -17.40
C PRO A 56 -5.40 8.58 -18.23
N SER A 57 -4.54 9.22 -19.02
CA SER A 57 -3.46 8.52 -19.72
C SER A 57 -2.07 8.88 -19.17
N GLY A 58 -1.98 9.36 -17.96
CA GLY A 58 -0.69 9.58 -17.35
C GLY A 58 -0.10 10.96 -17.55
N GLU A 59 -0.91 11.89 -18.07
CA GLU A 59 -0.45 13.23 -18.36
C GLU A 59 0.14 13.95 -17.16
N HIS A 60 -0.29 13.60 -15.95
CA HIS A 60 0.18 14.29 -14.76
C HIS A 60 0.83 13.35 -13.77
N TYR A 61 1.33 12.23 -14.25
CA TYR A 61 1.96 11.28 -13.40
C TYR A 61 3.27 11.81 -12.83
N LYS A 62 3.58 11.41 -11.62
CA LYS A 62 4.85 11.64 -11.01
C LYS A 62 5.04 10.48 -10.04
N PRO A 63 6.29 9.97 -9.91
CA PRO A 63 6.46 8.76 -9.08
C PRO A 63 6.12 9.02 -7.63
N PHE A 64 5.70 7.97 -6.94
CA PHE A 64 5.12 8.02 -5.62
C PHE A 64 6.05 8.69 -4.61
N TRP A 65 7.35 8.56 -4.86
CA TRP A 65 8.38 9.09 -4.01
C TRP A 65 8.29 10.57 -4.02
N ASP A 66 8.31 11.11 -5.21
CA ASP A 66 8.28 12.54 -5.40
C ASP A 66 6.93 13.13 -4.96
N VAL A 67 5.84 12.37 -5.18
CA VAL A 67 4.53 12.76 -4.65
C VAL A 67 4.57 12.80 -3.13
N THR A 68 5.35 11.90 -2.50
CA THR A 68 5.39 11.79 -1.05
C THR A 68 6.18 13.02 -0.49
N VAL A 69 7.18 13.47 -1.21
CA VAL A 69 7.93 14.67 -0.83
C VAL A 69 6.99 15.89 -0.92
N ASP A 70 6.32 16.05 -2.08
CA ASP A 70 5.31 17.09 -2.26
C ASP A 70 4.31 17.13 -1.10
N ALA A 71 3.72 16.01 -0.77
CA ALA A 71 2.72 15.97 0.29
C ALA A 71 3.34 16.37 1.63
N LEU A 72 4.56 15.90 1.90
CA LEU A 72 5.22 16.18 3.16
C LEU A 72 5.50 17.68 3.30
N ARG A 73 6.02 18.25 2.21
CA ARG A 73 6.21 19.69 2.09
C ARG A 73 4.96 20.52 2.25
N TYR A 74 3.87 20.15 1.54
CA TYR A 74 2.62 20.88 1.77
C TYR A 74 2.25 20.77 3.26
N ALA A 75 2.31 19.56 3.82
CA ALA A 75 1.80 19.35 5.20
C ALA A 75 2.61 20.22 6.21
N CYS A 76 3.91 20.37 5.96
CA CYS A 76 4.74 21.15 6.88
C CYS A 76 4.44 22.65 6.78
N ALA A 77 4.27 23.16 5.56
CA ALA A 77 3.91 24.54 5.29
C ALA A 77 2.61 24.88 5.95
N ARG A 78 1.61 24.02 5.76
CA ARG A 78 0.27 24.19 6.36
C ARG A 78 0.29 24.19 7.88
N LEU A 79 1.14 23.34 8.46
CA LEU A 79 1.15 23.10 9.88
C LEU A 79 2.22 23.97 10.53
N ASN A 80 2.84 24.85 9.73
CA ASN A 80 3.87 25.80 10.21
C ASN A 80 5.08 25.17 10.89
N LEU A 81 5.53 24.02 10.37
CA LEU A 81 6.68 23.28 10.88
C LEU A 81 8.02 23.56 10.13
N PRO A 82 9.14 23.74 10.87
CA PRO A 82 10.47 24.01 10.28
C PRO A 82 11.18 22.83 9.52
N LEU A 83 10.68 22.53 8.33
CA LEU A 83 11.17 21.44 7.50
C LEU A 83 12.13 21.97 6.43
N GLY A 84 13.41 21.93 6.74
CA GLY A 84 14.44 22.18 5.73
C GLY A 84 15.05 20.85 5.28
N ASN A 85 16.20 20.91 4.61
CA ASN A 85 16.80 19.74 4.00
C ASN A 85 17.03 18.57 5.01
N HIS A 86 17.63 18.83 6.16
CA HIS A 86 17.92 17.73 7.08
C HIS A 86 16.62 17.04 7.50
N ALA A 87 15.63 17.78 8.01
CA ALA A 87 14.45 17.10 8.60
C ALA A 87 13.63 16.36 7.51
N GLU A 88 13.60 16.94 6.33
CA GLU A 88 13.05 16.31 5.12
C GLU A 88 13.81 15.02 4.78
N ALA A 89 15.11 15.12 4.54
CA ALA A 89 15.93 13.92 4.30
C ALA A 89 15.66 12.86 5.37
N THR A 90 15.65 13.25 6.64
CA THR A 90 15.44 12.28 7.73
C THR A 90 14.13 11.56 7.66
N LEU A 91 13.08 12.26 7.22
CA LEU A 91 11.74 11.65 7.29
C LEU A 91 11.54 10.77 6.09
N MSE A 92 12.11 11.19 4.98
CA MSE A 92 12.12 10.41 3.75
C MSE A 92 12.94 9.09 3.94
O MSE A 92 12.40 8.00 3.69
CB MSE A 92 12.54 11.30 2.54
CG MSE A 92 11.43 12.38 2.04
SE MSE A 92 9.58 11.67 2.06
CE MSE A 92 9.76 10.53 0.42
N ARG A 93 14.18 9.18 4.45
CA ARG A 93 14.93 7.98 4.89
C ARG A 93 14.06 7.06 5.69
N GLU A 94 13.42 7.60 6.70
CA GLU A 94 12.54 6.82 7.48
C GLU A 94 11.53 6.13 6.59
N TYR A 95 11.08 6.85 5.57
CA TYR A 95 10.01 6.34 4.68
C TYR A 95 10.55 5.22 3.79
N ALA A 96 11.78 5.39 3.29
CA ALA A 96 12.42 4.39 2.45
C ALA A 96 12.46 3.04 3.12
N CYS A 97 12.72 3.01 4.42
CA CYS A 97 13.06 1.76 5.09
C CYS A 97 12.23 1.40 6.32
N LEU A 98 11.18 0.62 6.10
CA LEU A 98 10.18 0.35 7.12
C LEU A 98 10.17 -1.11 7.55
N SER A 99 9.52 -1.41 8.67
CA SER A 99 9.50 -2.79 9.15
C SER A 99 8.09 -3.40 9.05
N ALA A 100 8.08 -4.73 9.00
CA ALA A 100 6.87 -5.51 8.81
C ALA A 100 6.09 -5.65 10.10
N PHE A 101 4.83 -6.03 9.96
CA PHE A 101 4.05 -6.49 11.07
C PHE A 101 4.54 -7.94 11.36
N PRO A 102 5.17 -8.14 12.52
CA PRO A 102 5.83 -9.39 12.98
C PRO A 102 5.10 -10.70 12.65
N GLU A 103 3.78 -10.62 12.66
CA GLU A 103 2.89 -11.68 12.21
C GLU A 103 3.01 -12.05 10.71
N ASN A 104 3.42 -11.10 9.88
CA ASN A 104 3.39 -11.31 8.42
C ASN A 104 4.22 -12.51 7.91
N VAL A 105 5.52 -12.48 8.20
CA VAL A 105 6.48 -13.33 7.51
C VAL A 105 6.19 -14.84 7.66
N PRO A 106 5.62 -15.29 8.81
CA PRO A 106 5.21 -16.71 8.92
C PRO A 106 3.97 -17.07 8.11
N VAL A 107 2.97 -16.16 8.20
CA VAL A 107 1.70 -16.26 7.46
C VAL A 107 1.97 -16.34 5.97
N LEU A 108 2.92 -15.56 5.49
CA LEU A 108 3.32 -15.65 4.08
C LEU A 108 3.80 -17.09 3.81
N ARG A 109 4.49 -17.68 4.77
CA ARG A 109 5.00 -19.04 4.60
C ARG A 109 3.89 -20.09 4.61
N GLN A 110 2.93 -20.04 5.54
CA GLN A 110 1.78 -20.98 5.49
C GLN A 110 0.96 -20.92 4.17
N LEU A 111 1.16 -19.85 3.39
CA LEU A 111 0.55 -19.66 2.05
C LEU A 111 1.48 -20.15 0.93
N ARG A 112 2.75 -19.75 0.98
CA ARG A 112 3.77 -20.24 0.05
C ARG A 112 3.78 -21.76 0.10
N GLU A 113 3.67 -22.29 1.32
CA GLU A 113 3.72 -23.73 1.54
C GLU A 113 2.44 -24.40 1.04
N MSE A 114 1.28 -23.75 1.15
CA MSE A 114 0.04 -24.30 0.54
C MSE A 114 -0.09 -24.01 -0.99
O MSE A 114 -1.20 -24.00 -1.53
CB MSE A 114 -1.24 -23.93 1.31
CG MSE A 114 -1.39 -22.46 1.66
SE MSE A 114 -2.92 -22.06 2.81
CE MSE A 114 -4.38 -22.93 1.79
N GLY A 115 1.06 -23.77 -1.63
CA GLY A 115 1.20 -23.81 -3.11
C GLY A 115 0.77 -22.54 -3.83
N LEU A 116 0.95 -21.40 -3.14
CA LEU A 116 0.41 -20.11 -3.58
C LEU A 116 1.51 -19.14 -3.97
N PRO A 117 1.53 -18.76 -5.25
CA PRO A 117 2.41 -17.65 -5.67
C PRO A 117 1.97 -16.32 -4.99
N LEU A 118 2.93 -15.44 -4.73
CA LEU A 118 2.68 -14.25 -3.92
C LEU A 118 3.24 -13.08 -4.67
N GLY A 119 2.49 -11.98 -4.65
CA GLY A 119 2.98 -10.73 -5.20
C GLY A 119 2.63 -9.50 -4.38
N ILE A 120 3.36 -8.42 -4.67
CA ILE A 120 3.04 -7.06 -4.22
C ILE A 120 2.56 -6.21 -5.40
N LEU A 121 1.47 -5.47 -5.19
CA LEU A 121 1.03 -4.41 -6.11
C LEU A 121 0.86 -3.09 -5.34
N SER A 122 1.71 -2.11 -5.70
CA SER A 122 1.92 -0.93 -4.89
C SER A 122 1.94 0.38 -5.68
N ASN A 123 1.40 1.42 -5.07
CA ASN A 123 1.46 2.76 -5.64
C ASN A 123 2.96 3.13 -5.67
N GLY A 124 3.71 2.47 -4.81
CA GLY A 124 5.15 2.69 -4.72
C GLY A 124 5.86 2.56 -6.03
N ASN A 125 6.61 3.60 -6.42
CA ASN A 125 7.57 3.45 -7.52
C ASN A 125 8.56 2.29 -7.18
N PRO A 126 9.11 1.61 -8.20
CA PRO A 126 9.83 0.38 -7.85
C PRO A 126 11.11 0.69 -7.05
N GLN A 127 11.91 1.66 -7.50
CA GLN A 127 13.09 2.08 -6.71
C GLN A 127 12.84 2.12 -5.20
N MSE A 128 11.69 2.64 -4.76
CA MSE A 128 11.41 2.70 -3.30
C MSE A 128 10.79 1.40 -2.76
O MSE A 128 10.88 1.08 -1.58
CB MSE A 128 10.56 3.96 -2.93
CG MSE A 128 9.03 3.81 -2.96
SE MSE A 128 8.11 5.58 -2.84
CE MSE A 128 7.58 5.60 -0.95
N LEU A 129 10.17 0.66 -3.67
CA LEU A 129 9.47 -0.57 -3.32
C LEU A 129 10.44 -1.72 -3.03
N GLU A 130 11.61 -1.64 -3.64
CA GLU A 130 12.57 -2.76 -3.72
C GLU A 130 13.43 -2.88 -2.46
N ILE A 131 14.01 -1.74 -2.05
CA ILE A 131 14.70 -1.60 -0.76
C ILE A 131 13.71 -1.77 0.36
N ALA A 132 12.59 -1.03 0.26
CA ALA A 132 11.51 -1.18 1.23
C ALA A 132 11.32 -2.66 1.56
N VAL A 133 11.36 -3.51 0.55
CA VAL A 133 11.17 -4.96 0.75
C VAL A 133 12.32 -5.63 1.52
N LYS A 134 13.54 -5.17 1.23
CA LYS A 134 14.76 -5.65 1.87
C LYS A 134 14.87 -5.24 3.36
N SER A 135 14.23 -4.15 3.73
CA SER A 135 13.94 -3.87 5.14
C SER A 135 12.76 -4.74 5.60
N ALA A 136 13.01 -5.91 6.15
CA ALA A 136 11.90 -6.75 6.60
C ALA A 136 12.06 -8.25 6.32
N GLY A 137 13.05 -8.64 5.53
CA GLY A 137 13.38 -10.05 5.35
C GLY A 137 12.39 -10.85 4.51
N MSE A 138 11.71 -10.17 3.58
CA MSE A 138 10.71 -10.87 2.75
C MSE A 138 11.20 -11.11 1.32
O MSE A 138 10.42 -11.59 0.45
CB MSE A 138 9.40 -10.08 2.72
CG MSE A 138 8.74 -9.92 4.06
SE MSE A 138 7.17 -8.80 3.81
CE MSE A 138 7.95 -7.00 3.49
N SER A 139 12.48 -10.82 1.06
CA SER A 139 13.13 -11.17 -0.22
C SER A 139 12.96 -12.70 -0.48
N GLY A 140 12.57 -13.07 -1.70
CA GLY A 140 12.32 -14.48 -2.06
C GLY A 140 10.88 -14.98 -2.00
N LEU A 141 10.05 -14.33 -1.17
CA LEU A 141 8.66 -14.78 -0.94
C LEU A 141 7.75 -14.36 -2.08
N PHE A 142 8.06 -13.23 -2.71
CA PHE A 142 7.28 -12.74 -3.85
C PHE A 142 7.90 -13.09 -5.23
N ASP A 143 7.10 -13.82 -5.99
CA ASP A 143 7.31 -13.97 -7.42
C ASP A 143 7.34 -12.60 -8.16
N HIS A 144 6.32 -11.75 -7.94
CA HIS A 144 6.25 -10.45 -8.63
C HIS A 144 6.11 -9.30 -7.64
N VAL A 145 6.89 -8.26 -7.85
CA VAL A 145 6.84 -7.05 -7.06
C VAL A 145 6.51 -5.94 -8.08
N LEU A 146 5.24 -5.52 -8.07
CA LEU A 146 4.67 -4.67 -9.12
C LEU A 146 4.39 -3.23 -8.64
N SER A 147 4.65 -2.28 -9.51
CA SER A 147 4.47 -0.86 -9.25
C SER A 147 3.58 -0.28 -10.32
N VAL A 148 2.68 0.59 -9.91
CA VAL A 148 1.86 1.34 -10.83
C VAL A 148 2.68 2.26 -11.72
N ASP A 149 3.98 2.35 -11.47
CA ASP A 149 4.82 3.13 -12.32
C ASP A 149 4.89 2.64 -13.80
N ALA A 150 4.63 1.36 -14.00
CA ALA A 150 4.60 0.72 -15.33
C ALA A 150 3.51 1.33 -16.18
N VAL A 151 2.41 1.77 -15.53
CA VAL A 151 1.31 2.31 -16.27
C VAL A 151 1.12 3.82 -16.04
N ARG A 152 1.90 4.44 -15.13
CA ARG A 152 1.81 5.87 -14.93
C ARG A 152 0.44 6.31 -14.43
N LEU A 153 -0.22 5.45 -13.69
CA LEU A 153 -1.56 5.73 -13.17
C LEU A 153 -1.74 5.05 -11.80
N TYR A 154 -2.29 5.78 -10.86
CA TYR A 154 -2.45 5.26 -9.50
C TYR A 154 -3.77 4.55 -9.35
N LYS A 155 -3.85 3.62 -8.42
CA LYS A 155 -5.13 3.11 -7.96
C LYS A 155 -5.98 4.29 -7.61
N THR A 156 -7.28 4.23 -7.88
CA THR A 156 -8.01 3.01 -8.28
C THR A 156 -8.13 2.75 -9.79
N ALA A 157 -7.25 3.35 -10.59
CA ALA A 157 -7.27 3.26 -12.04
C ALA A 157 -7.23 1.81 -12.53
N PRO A 158 -8.11 1.43 -13.48
CA PRO A 158 -8.11 0.02 -13.97
C PRO A 158 -6.71 -0.49 -14.40
N ALA A 159 -5.91 0.41 -15.00
CA ALA A 159 -4.63 0.01 -15.58
C ALA A 159 -3.69 -0.42 -14.45
N ALA A 160 -3.88 0.13 -13.25
CA ALA A 160 -3.07 -0.25 -12.06
C ALA A 160 -3.47 -1.62 -11.58
N TYR A 161 -4.77 -1.85 -11.38
CA TYR A 161 -5.26 -3.16 -10.96
C TYR A 161 -4.88 -4.23 -12.01
N ALA A 162 -5.00 -3.87 -13.29
CA ALA A 162 -4.73 -4.82 -14.34
C ALA A 162 -3.33 -5.38 -14.33
N LEU A 163 -2.39 -4.72 -13.68
CA LEU A 163 -1.03 -5.24 -13.65
C LEU A 163 -0.95 -6.67 -13.08
N ALA A 164 -1.81 -7.03 -12.12
CA ALA A 164 -1.61 -8.28 -11.40
C ALA A 164 -2.10 -9.48 -12.18
N PRO A 165 -3.32 -9.42 -12.74
CA PRO A 165 -3.64 -10.51 -13.68
C PRO A 165 -2.54 -10.72 -14.74
N ARG A 166 -1.97 -9.64 -15.29
CA ARG A 166 -0.97 -9.78 -16.36
C ARG A 166 0.22 -10.50 -15.93
N ALA A 167 0.83 -10.05 -14.82
CA ALA A 167 2.05 -10.69 -14.30
C ALA A 167 1.86 -12.17 -13.90
N PHE A 168 0.69 -12.52 -13.37
CA PHE A 168 0.43 -13.87 -12.83
C PHE A 168 -0.12 -14.87 -13.86
N GLY A 169 -0.55 -14.38 -15.02
CA GLY A 169 -1.09 -15.18 -16.07
C GLY A 169 -2.43 -15.77 -15.72
N VAL A 170 -3.13 -15.18 -14.73
CA VAL A 170 -4.47 -15.62 -14.31
C VAL A 170 -5.49 -14.45 -14.30
N PRO A 171 -6.78 -14.75 -14.50
CA PRO A 171 -7.84 -13.77 -14.39
C PRO A 171 -7.85 -13.20 -13.01
N ALA A 172 -8.35 -11.98 -12.86
CA ALA A 172 -8.62 -11.33 -11.58
C ALA A 172 -9.39 -12.23 -10.58
N ALA A 173 -10.41 -12.92 -11.07
CA ALA A 173 -11.26 -13.76 -10.20
C ALA A 173 -10.47 -14.82 -9.43
N GLN A 174 -9.31 -15.20 -9.95
CA GLN A 174 -8.51 -16.23 -9.33
C GLN A 174 -7.32 -15.69 -8.51
N ILE A 175 -7.24 -14.37 -8.35
CA ILE A 175 -6.22 -13.77 -7.49
C ILE A 175 -6.93 -13.28 -6.25
N LEU A 176 -6.36 -13.56 -5.07
CA LEU A 176 -6.83 -12.94 -3.84
C LEU A 176 -6.06 -11.65 -3.65
N PHE A 177 -6.82 -10.56 -3.59
CA PHE A 177 -6.26 -9.23 -3.44
C PHE A 177 -6.41 -8.79 -2.00
N VAL A 178 -5.29 -8.46 -1.38
CA VAL A 178 -5.22 -8.08 0.02
C VAL A 178 -4.74 -6.65 0.20
N SER A 179 -5.55 -5.85 0.89
CA SER A 179 -5.19 -4.44 1.23
C SER A 179 -5.63 -4.05 2.63
N SER A 180 -4.90 -3.14 3.24
CA SER A 180 -5.37 -2.46 4.45
C SER A 180 -6.32 -1.30 4.23
N ASN A 181 -6.38 -0.82 3.02
CA ASN A 181 -7.09 0.41 2.78
C ASN A 181 -8.45 -0.01 2.25
N GLY A 182 -9.48 0.34 2.99
CA GLY A 182 -10.85 0.02 2.58
C GLY A 182 -11.15 0.43 1.15
N TRP A 183 -10.71 1.62 0.75
CA TRP A 183 -11.01 2.10 -0.60
C TRP A 183 -10.41 1.15 -1.64
N ASP A 184 -9.23 0.62 -1.35
CA ASP A 184 -8.52 -0.24 -2.27
C ASP A 184 -9.15 -1.64 -2.29
N ALA A 185 -9.58 -2.18 -1.15
CA ALA A 185 -10.30 -3.50 -1.18
C ALA A 185 -11.50 -3.36 -2.07
N CYS A 186 -12.18 -2.23 -1.94
CA CYS A 186 -13.40 -1.96 -2.69
C CYS A 186 -13.14 -1.75 -4.19
N GLY A 187 -12.07 -1.01 -4.50
CA GLY A 187 -11.70 -0.80 -5.89
C GLY A 187 -11.32 -2.13 -6.54
N ALA A 188 -10.61 -2.98 -5.79
CA ALA A 188 -10.20 -4.29 -6.31
C ALA A 188 -11.37 -5.20 -6.55
N THR A 189 -12.38 -5.11 -5.70
CA THR A 189 -13.56 -5.91 -5.88
C THR A 189 -14.31 -5.52 -7.14
N TRP A 190 -14.33 -4.22 -7.44
CA TRP A 190 -14.92 -3.70 -8.71
C TRP A 190 -14.13 -4.29 -9.88
N HIS A 191 -12.84 -4.35 -9.79
CA HIS A 191 -12.08 -4.87 -10.93
C HIS A 191 -12.32 -6.37 -11.17
N GLY A 192 -12.80 -7.07 -10.15
CA GLY A 192 -13.15 -8.49 -10.24
C GLY A 192 -12.27 -9.46 -9.44
N PHE A 193 -11.42 -8.95 -8.54
CA PHE A 193 -10.63 -9.84 -7.67
C PHE A 193 -11.47 -10.40 -6.55
N THR A 194 -11.02 -11.50 -5.99
CA THR A 194 -11.49 -11.90 -4.66
C THR A 194 -10.66 -11.06 -3.74
N THR A 195 -11.29 -10.31 -2.85
CA THR A 195 -10.51 -9.43 -2.02
C THR A 195 -10.70 -9.69 -0.52
N PHE A 196 -9.64 -9.43 0.22
CA PHE A 196 -9.67 -9.48 1.66
C PHE A 196 -9.17 -8.14 2.20
N TRP A 197 -9.90 -7.56 3.15
CA TRP A 197 -9.54 -6.28 3.74
C TRP A 197 -8.98 -6.47 5.15
N ILE A 198 -7.71 -6.13 5.33
CA ILE A 198 -7.10 -6.11 6.65
C ILE A 198 -7.44 -4.76 7.26
N ASN A 199 -8.56 -4.74 7.97
CA ASN A 199 -9.06 -3.56 8.61
C ASN A 199 -8.42 -3.41 10.01
N ARG A 200 -7.21 -2.87 10.03
CA ARG A 200 -6.40 -2.82 11.25
C ARG A 200 -6.94 -1.88 12.35
N LEU A 201 -7.61 -0.81 11.95
CA LEU A 201 -8.10 0.16 12.91
C LEU A 201 -9.57 -0.05 13.25
N GLY A 202 -10.17 -1.13 12.76
CA GLY A 202 -11.57 -1.45 13.07
C GLY A 202 -12.59 -0.45 12.55
N HIS A 203 -12.35 0.10 11.37
CA HIS A 203 -13.22 1.13 10.81
C HIS A 203 -14.46 0.55 10.15
N PRO A 204 -15.47 1.38 9.85
CA PRO A 204 -16.62 0.83 9.11
C PRO A 204 -16.24 0.54 7.67
N PRO A 205 -17.02 -0.31 6.96
CA PRO A 205 -16.82 -0.39 5.53
C PRO A 205 -17.10 0.94 4.82
N GLU A 206 -16.35 1.20 3.77
CA GLU A 206 -16.58 2.39 2.95
C GLU A 206 -17.96 2.28 2.34
N ALA A 207 -18.65 3.41 2.23
CA ALA A 207 -19.98 3.44 1.66
C ALA A 207 -19.80 3.62 0.15
N LEU A 208 -19.40 2.54 -0.52
CA LEU A 208 -19.14 2.51 -1.97
C LEU A 208 -20.06 1.55 -2.71
N ASP A 209 -21.08 1.00 -2.05
CA ASP A 209 -22.04 0.04 -2.66
C ASP A 209 -21.36 -1.26 -3.14
N VAL A 210 -20.26 -1.61 -2.50
CA VAL A 210 -19.50 -2.82 -2.83
C VAL A 210 -18.78 -3.20 -1.55
N ALA A 211 -18.50 -4.47 -1.37
CA ALA A 211 -17.78 -4.98 -0.18
C ALA A 211 -16.79 -6.08 -0.58
N PRO A 212 -15.61 -6.08 0.03
CA PRO A 212 -14.72 -7.19 -0.22
C PRO A 212 -15.32 -8.57 0.17
N ALA A 213 -14.68 -9.65 -0.27
CA ALA A 213 -15.18 -10.97 -0.03
C ALA A 213 -15.24 -11.21 1.49
N ALA A 214 -14.13 -10.88 2.19
CA ALA A 214 -14.11 -10.88 3.64
C ALA A 214 -13.13 -9.82 4.14
N ALA A 215 -13.17 -9.51 5.42
CA ALA A 215 -12.26 -8.58 6.07
C ALA A 215 -11.86 -9.15 7.48
N GLY A 216 -10.72 -8.72 7.99
CA GLY A 216 -10.31 -9.11 9.30
C GLY A 216 -9.45 -8.01 9.88
N HIS A 217 -8.81 -8.32 10.98
CA HIS A 217 -8.09 -7.33 11.78
C HIS A 217 -6.62 -7.35 11.51
N ASP A 218 -6.11 -8.47 11.02
CA ASP A 218 -4.69 -8.65 10.79
C ASP A 218 -4.42 -9.76 9.79
N MSE A 219 -3.14 -9.94 9.48
CA MSE A 219 -2.70 -10.90 8.48
C MSE A 219 -3.03 -12.34 8.76
O MSE A 219 -3.22 -13.18 7.83
CB MSE A 219 -1.22 -10.73 8.32
CG MSE A 219 -0.95 -9.56 7.44
SE MSE A 219 -1.00 -10.17 5.58
CE MSE A 219 0.96 -10.42 5.40
N ARG A 220 -3.10 -12.63 10.04
CA ARG A 220 -3.39 -13.97 10.51
C ARG A 220 -4.86 -14.23 10.33
N ASP A 221 -5.71 -13.22 10.42
CA ASP A 221 -7.09 -13.44 9.98
C ASP A 221 -7.16 -13.79 8.50
N LEU A 222 -6.24 -13.24 7.70
CA LEU A 222 -6.22 -13.50 6.25
C LEU A 222 -5.91 -14.98 5.96
N LEU A 223 -4.86 -15.47 6.63
CA LEU A 223 -4.53 -16.91 6.67
C LEU A 223 -5.74 -17.75 7.04
N GLN A 224 -6.45 -17.38 8.12
CA GLN A 224 -7.65 -18.10 8.56
C GLN A 224 -8.49 -18.34 7.30
N PHE A 225 -8.76 -17.24 6.59
CA PHE A 225 -9.77 -17.17 5.52
C PHE A 225 -9.44 -18.00 4.30
N VAL A 226 -8.18 -17.96 3.89
CA VAL A 226 -7.71 -18.74 2.76
C VAL A 226 -7.93 -20.25 3.08
N GLN A 227 -7.30 -20.70 4.17
CA GLN A 227 -7.38 -22.09 4.65
C GLN A 227 -8.84 -22.62 4.65
N ALA A 228 -9.82 -21.79 5.04
CA ALA A 228 -11.23 -22.17 4.92
C ALA A 228 -11.66 -22.56 3.48
K K B . 16.50 4.02 8.97
K K C . -4.66 7.44 -24.08
CL CL D . -5.92 5.41 -20.24
CL CL E . 2.51 8.62 6.32
CL CL F . -7.56 17.52 -1.55
NA NA G . -7.21 -7.46 -15.56
MG MG H . -8.71 13.09 1.87
MG MG I . 2.78 28.21 6.79
#